data_7G8X
#
_entry.id   7G8X
#
_cell.length_a   71.176
_cell.length_b   71.176
_cell.length_c   195.858
_cell.angle_alpha   90.000
_cell.angle_beta   90.000
_cell.angle_gamma   90.000
#
_symmetry.space_group_name_H-M   'P 43 21 2'
#
loop_
_entity.id
_entity.type
_entity.pdbx_description
1 polymer 'Transforming protein RhoA'
2 polymer 'Rho guanine nucleotide exchange factor 2'
3 non-polymer 2-(cyclopentylamino)pyridine-4-carboxamide
4 non-polymer 'DIMETHYL SULFOXIDE'
5 non-polymer 'FORMIC ACID'
6 water water
#
loop_
_entity_poly.entity_id
_entity_poly.type
_entity_poly.pdbx_seq_one_letter_code
_entity_poly.pdbx_strand_id
1 'polypeptide(L)'
;SMAAIRKKLVIVGDGACGKTCLLIVFSKDQFPEVYVPTVFENYVADIEVDGKQVELALWDTAGQEDYDRLRPLSYPDTDV
ILMCFSIDSPDSLENIPEKWTPEVKHFCPNVPIILVGNKKDLRNDEHTRRELAKMKQEPVKPEEGRDMANRIGAFGYMEC
SAKTKDGVREVFEMATRAALQARRG
;
A
2 'polypeptide(L)'
;SMEMDEKDFAADSWSLAVDSSFLQQHKKEVMKQQDVIYELIQTELHHVRTLKIMTRLFRTGMLEELHLEPGVVQGLFPCV
DELSDIHTRFLSQLLERRRQALCPGSTRNFVIHRLGDLLISQFSGPSAEQMCKTYSEFCSRHSKALKLYKELYARDKRFQ
QFIRKVTRPAVLKRHGVQECILLVTQRITKYPLLISRILQHSHGIEEERQDLTTALGLVKELLSNVDEGIYQLEKGARLQ
EIYNR
;
B
#
# COMPACT_ATOMS: atom_id res chain seq x y z
N ALA A 4 -8.55 -18.68 -15.53
CA ALA A 4 -8.86 -17.33 -15.06
C ALA A 4 -7.90 -16.30 -15.65
N ILE A 5 -8.42 -15.16 -16.11
CA ILE A 5 -7.59 -14.11 -16.63
C ILE A 5 -7.23 -13.14 -15.50
N ARG A 6 -6.04 -12.57 -15.54
CA ARG A 6 -5.59 -11.63 -14.51
C ARG A 6 -5.95 -10.17 -14.91
N LYS A 7 -6.61 -9.45 -14.02
CA LYS A 7 -6.95 -8.04 -14.21
C LYS A 7 -6.43 -7.23 -13.01
N LYS A 8 -6.15 -5.94 -13.21
CA LYS A 8 -5.63 -5.07 -12.18
C LYS A 8 -6.57 -3.89 -11.92
N LEU A 9 -6.87 -3.65 -10.64
CA LEU A 9 -7.74 -2.57 -10.20
C LEU A 9 -6.94 -1.64 -9.29
N VAL A 10 -7.10 -0.32 -9.47
CA VAL A 10 -6.46 0.66 -8.61
C VAL A 10 -7.53 1.61 -8.10
N ILE A 11 -7.49 1.94 -6.81
CA ILE A 11 -8.42 2.91 -6.25
CA ILE A 11 -8.42 2.91 -6.23
C ILE A 11 -7.70 4.23 -5.99
N VAL A 12 -8.32 5.30 -6.48
CA VAL A 12 -7.79 6.66 -6.34
CA VAL A 12 -7.82 6.66 -6.41
C VAL A 12 -8.84 7.55 -5.66
N GLY A 13 -8.39 8.67 -5.12
CA GLY A 13 -9.27 9.60 -4.40
C GLY A 13 -8.53 10.28 -3.26
N ASP A 14 -9.15 11.33 -2.70
CA ASP A 14 -8.54 12.09 -1.61
C ASP A 14 -8.32 11.22 -0.35
N GLY A 15 -7.45 11.70 0.54
CA GLY A 15 -7.11 11.05 1.80
C GLY A 15 -8.27 10.65 2.70
N ALA A 16 -9.35 11.45 2.77
CA ALA A 16 -10.47 11.05 3.66
C ALA A 16 -11.62 10.35 2.92
N CYS A 17 -11.36 9.76 1.75
CA CYS A 17 -12.43 9.18 0.94
C CYS A 17 -12.84 7.74 1.34
N GLY A 18 -12.07 7.09 2.20
CA GLY A 18 -12.37 5.74 2.67
C GLY A 18 -11.95 4.60 1.74
N LYS A 19 -11.02 4.86 0.79
CA LYS A 19 -10.56 3.83 -0.13
CA LYS A 19 -10.57 3.83 -0.14
C LYS A 19 -9.90 2.64 0.56
N THR A 20 -9.06 2.89 1.59
CA THR A 20 -8.38 1.80 2.29
C THR A 20 -9.40 0.88 2.99
N CYS A 21 -10.36 1.48 3.70
CA CYS A 21 -11.40 0.71 4.37
CA CYS A 21 -11.38 0.67 4.37
C CYS A 21 -12.22 -0.13 3.38
N LEU A 22 -12.49 0.44 2.22
CA LEU A 22 -13.27 -0.27 1.18
C LEU A 22 -12.52 -1.55 0.73
N LEU A 23 -11.20 -1.44 0.41
CA LEU A 23 -10.38 -2.59 0.01
C LEU A 23 -10.27 -3.63 1.14
N ILE A 24 -10.07 -3.18 2.38
CA ILE A 24 -9.97 -4.07 3.54
C ILE A 24 -11.26 -4.88 3.71
N VAL A 25 -12.42 -4.19 3.72
CA VAL A 25 -13.69 -4.87 3.91
C VAL A 25 -13.98 -5.88 2.80
N PHE A 26 -13.68 -5.55 1.54
CA PHE A 26 -13.92 -6.47 0.43
C PHE A 26 -13.02 -7.71 0.55
N SER A 27 -11.70 -7.50 0.78
CA SER A 27 -10.72 -8.58 0.83
C SER A 27 -10.91 -9.50 2.01
N LYS A 28 -11.42 -8.98 3.15
CA LYS A 28 -11.71 -9.84 4.30
C LYS A 28 -13.15 -10.36 4.31
N ASP A 29 -14.06 -9.76 3.51
CA ASP A 29 -15.52 -10.02 3.48
C ASP A 29 -16.14 -9.67 4.86
N GLN A 30 -15.61 -8.63 5.54
CA GLN A 30 -16.08 -8.28 6.87
C GLN A 30 -15.57 -6.90 7.25
N PHE A 31 -16.34 -6.16 8.09
CA PHE A 31 -15.83 -4.91 8.63
C PHE A 31 -15.16 -5.38 9.93
N PRO A 32 -13.81 -5.35 9.99
CA PRO A 32 -13.10 -5.88 11.18
C PRO A 32 -13.67 -5.48 12.53
N GLU A 33 -13.93 -6.47 13.38
CA GLU A 33 -14.53 -6.21 14.68
C GLU A 33 -13.55 -5.87 15.78
N VAL A 34 -12.27 -6.20 15.60
CA VAL A 34 -11.27 -5.97 16.64
C VAL A 34 -10.30 -4.82 16.29
N TYR A 35 -9.80 -4.80 15.06
CA TYR A 35 -8.84 -3.78 14.67
C TYR A 35 -8.96 -3.50 13.20
N VAL A 36 -9.14 -2.22 12.83
CA VAL A 36 -9.23 -1.88 11.41
C VAL A 36 -7.81 -1.49 10.98
N PRO A 37 -7.18 -2.26 10.08
CA PRO A 37 -5.80 -1.90 9.63
C PRO A 37 -5.65 -0.47 9.11
N THR A 38 -4.51 0.11 9.39
CA THR A 38 -4.18 1.45 8.92
C THR A 38 -3.88 1.42 7.41
N VAL A 39 -3.23 0.35 6.95
CA VAL A 39 -2.81 0.29 5.55
C VAL A 39 -3.24 -1.02 4.87
N PHE A 40 -3.19 -1.03 3.55
CA PHE A 40 -3.54 -2.16 2.74
C PHE A 40 -2.32 -2.43 1.82
N GLU A 41 -1.78 -3.67 1.82
CA GLU A 41 -0.61 -3.96 0.99
C GLU A 41 -1.05 -4.21 -0.49
N ASN A 42 -1.64 -5.37 -0.74
CA ASN A 42 -2.29 -5.73 -2.02
C ASN A 42 -3.14 -6.99 -1.73
N TYR A 43 -3.87 -7.47 -2.72
CA TYR A 43 -4.70 -8.65 -2.59
C TYR A 43 -5.05 -9.11 -4.00
N VAL A 44 -5.19 -10.41 -4.20
CA VAL A 44 -5.60 -10.94 -5.49
C VAL A 44 -6.90 -11.73 -5.24
N ALA A 45 -8.05 -11.12 -5.59
CA ALA A 45 -9.38 -11.69 -5.37
C ALA A 45 -9.79 -12.66 -6.47
N ASP A 46 -10.35 -13.81 -6.10
CA ASP A 46 -10.86 -14.77 -7.06
C ASP A 46 -12.31 -14.35 -7.21
N ILE A 47 -12.70 -13.88 -8.39
CA ILE A 47 -14.05 -13.40 -8.62
CA ILE A 47 -14.06 -13.44 -8.60
C ILE A 47 -14.70 -14.12 -9.80
N GLU A 48 -15.98 -14.47 -9.69
CA GLU A 48 -16.69 -15.08 -10.80
C GLU A 48 -17.86 -14.17 -11.07
N VAL A 49 -17.86 -13.52 -12.22
CA VAL A 49 -18.94 -12.61 -12.56
C VAL A 49 -19.48 -12.93 -13.94
N ASP A 50 -20.80 -13.09 -14.02
CA ASP A 50 -21.49 -13.39 -15.28
C ASP A 50 -20.89 -14.61 -16.01
N GLY A 51 -20.52 -15.63 -15.24
CA GLY A 51 -19.97 -16.86 -15.80
C GLY A 51 -18.48 -16.82 -16.10
N LYS A 52 -17.79 -15.71 -15.83
CA LYS A 52 -16.36 -15.60 -16.13
C LYS A 52 -15.53 -15.54 -14.86
N GLN A 53 -14.45 -16.35 -14.80
CA GLN A 53 -13.55 -16.39 -13.65
CA GLN A 53 -13.56 -16.38 -13.64
C GLN A 53 -12.37 -15.45 -13.87
N VAL A 54 -12.14 -14.51 -12.92
CA VAL A 54 -11.07 -13.54 -13.02
C VAL A 54 -10.24 -13.48 -11.73
N GLU A 55 -8.92 -13.28 -11.85
CA GLU A 55 -8.05 -13.01 -10.71
C GLU A 55 -7.95 -11.47 -10.72
N LEU A 56 -8.52 -10.77 -9.73
CA LEU A 56 -8.52 -9.31 -9.71
C LEU A 56 -7.55 -8.81 -8.66
N ALA A 57 -6.40 -8.26 -9.11
CA ALA A 57 -5.41 -7.72 -8.20
C ALA A 57 -5.84 -6.33 -7.75
N LEU A 58 -5.84 -6.08 -6.44
CA LEU A 58 -6.32 -4.82 -5.85
C LEU A 58 -5.16 -3.96 -5.29
N TRP A 59 -5.16 -2.66 -5.59
CA TRP A 59 -4.12 -1.74 -5.13
C TRP A 59 -4.74 -0.44 -4.63
N ASP A 60 -4.12 0.13 -3.59
CA ASP A 60 -4.49 1.39 -2.95
C ASP A 60 -3.42 2.44 -3.33
N THR A 61 -3.84 3.71 -3.46
CA THR A 61 -2.93 4.84 -3.66
C THR A 61 -2.81 5.65 -2.35
N ALA A 62 -3.38 5.19 -1.22
CA ALA A 62 -3.30 5.92 0.05
C ALA A 62 -1.82 6.12 0.46
N GLY A 63 -1.51 7.33 0.90
CA GLY A 63 -0.15 7.71 1.25
C GLY A 63 0.58 8.38 0.10
N GLN A 64 0.09 8.19 -1.14
CA GLN A 64 0.72 8.77 -2.34
C GLN A 64 0.12 10.10 -2.81
N GLU A 65 -0.92 10.58 -2.13
CA GLU A 65 -1.64 11.80 -2.53
C GLU A 65 -0.76 13.06 -2.64
N ASP A 66 0.27 13.22 -1.79
CA ASP A 66 1.13 14.41 -1.87
C ASP A 66 2.38 14.23 -2.74
N TYR A 67 2.61 13.01 -3.28
CA TYR A 67 3.84 12.72 -4.02
C TYR A 67 3.55 12.46 -5.50
N ASP A 68 3.60 13.52 -6.29
CA ASP A 68 3.23 13.52 -7.71
C ASP A 68 4.09 12.66 -8.64
N ARG A 69 5.32 12.35 -8.25
CA ARG A 69 6.19 11.52 -9.08
C ARG A 69 6.20 10.05 -8.62
N LEU A 70 5.88 9.77 -7.35
CA LEU A 70 5.78 8.38 -6.89
C LEU A 70 4.41 7.80 -7.29
N ARG A 71 3.32 8.57 -7.08
CA ARG A 71 1.93 8.11 -7.28
C ARG A 71 1.68 7.44 -8.66
N PRO A 72 2.12 8.02 -9.79
CA PRO A 72 1.88 7.40 -11.09
C PRO A 72 2.48 5.99 -11.29
N LEU A 73 3.48 5.62 -10.48
CA LEU A 73 4.04 4.27 -10.54
C LEU A 73 3.00 3.20 -10.14
N SER A 74 1.86 3.60 -9.55
CA SER A 74 0.82 2.65 -9.22
C SER A 74 0.00 2.31 -10.49
N TYR A 75 -0.01 3.19 -11.52
CA TYR A 75 -0.87 3.05 -12.71
C TYR A 75 -0.49 2.02 -13.79
N PRO A 76 0.78 1.64 -14.08
CA PRO A 76 1.02 0.70 -15.20
C PRO A 76 0.13 -0.55 -15.27
N ASP A 77 -0.40 -0.83 -16.47
CA ASP A 77 -1.26 -1.97 -16.79
C ASP A 77 -2.55 -2.06 -16.01
N THR A 78 -3.06 -0.92 -15.51
CA THR A 78 -4.33 -0.92 -14.79
C THR A 78 -5.47 -1.27 -15.79
N ASP A 79 -6.42 -2.13 -15.38
CA ASP A 79 -7.56 -2.53 -16.21
C ASP A 79 -8.86 -1.81 -15.83
N VAL A 80 -8.98 -1.36 -14.56
CA VAL A 80 -10.15 -0.64 -14.09
C VAL A 80 -9.75 0.31 -12.95
N ILE A 81 -10.27 1.53 -12.98
CA ILE A 81 -10.03 2.50 -11.92
C ILE A 81 -11.29 2.68 -11.09
N LEU A 82 -11.18 2.60 -9.75
CA LEU A 82 -12.27 3.02 -8.88
C LEU A 82 -11.86 4.44 -8.43
N MET A 83 -12.66 5.43 -8.76
CA MET A 83 -12.38 6.82 -8.39
CA MET A 83 -12.41 6.83 -8.42
C MET A 83 -13.32 7.16 -7.24
N CYS A 84 -12.76 7.27 -6.06
CA CYS A 84 -13.51 7.42 -4.85
CA CYS A 84 -13.53 7.43 -4.83
C CYS A 84 -13.62 8.85 -4.29
N PHE A 85 -14.77 9.14 -3.67
CA PHE A 85 -15.06 10.34 -2.90
C PHE A 85 -15.90 9.89 -1.70
N SER A 86 -15.93 10.71 -0.65
CA SER A 86 -16.74 10.40 0.50
C SER A 86 -18.02 11.23 0.44
N ILE A 87 -19.16 10.59 0.68
CA ILE A 87 -20.46 11.27 0.69
C ILE A 87 -20.57 12.30 1.84
N ASP A 88 -19.83 12.10 2.96
CA ASP A 88 -19.80 13.11 4.04
C ASP A 88 -18.81 14.26 3.76
N SER A 89 -18.25 14.32 2.55
CA SER A 89 -17.27 15.33 2.19
C SER A 89 -17.50 15.94 0.81
N PRO A 90 -18.44 16.90 0.67
CA PRO A 90 -18.65 17.52 -0.66
C PRO A 90 -17.38 18.08 -1.31
N ASP A 91 -16.33 18.42 -0.51
CA ASP A 91 -15.03 18.89 -1.00
C ASP A 91 -14.27 17.77 -1.76
N SER A 92 -14.35 16.51 -1.29
CA SER A 92 -13.71 15.39 -2.01
C SER A 92 -14.34 15.19 -3.41
N LEU A 93 -15.63 15.55 -3.59
CA LEU A 93 -16.28 15.42 -4.89
C LEU A 93 -15.80 16.51 -5.85
N GLU A 94 -15.60 17.73 -5.35
CA GLU A 94 -15.11 18.85 -6.17
C GLU A 94 -13.67 18.60 -6.73
N ASN A 95 -12.82 17.86 -6.02
CA ASN A 95 -11.47 17.54 -6.52
C ASN A 95 -11.46 16.44 -7.63
N ILE A 96 -12.59 15.73 -7.81
CA ILE A 96 -12.69 14.71 -8.83
C ILE A 96 -12.45 15.25 -10.26
N PRO A 97 -13.19 16.28 -10.75
CA PRO A 97 -13.01 16.68 -12.17
C PRO A 97 -11.70 17.37 -12.55
N GLU A 98 -11.13 18.19 -11.67
CA GLU A 98 -9.95 18.94 -12.09
C GLU A 98 -8.63 18.47 -11.46
N LYS A 99 -8.66 17.44 -10.58
CA LYS A 99 -7.42 16.88 -10.06
C LYS A 99 -7.28 15.40 -10.46
N TRP A 100 -8.16 14.52 -9.98
CA TRP A 100 -8.05 13.09 -10.26
C TRP A 100 -8.33 12.68 -11.70
N THR A 101 -9.38 13.26 -12.31
CA THR A 101 -9.77 12.87 -13.66
C THR A 101 -8.67 13.19 -14.72
N PRO A 102 -8.09 14.41 -14.81
CA PRO A 102 -7.03 14.64 -15.83
C PRO A 102 -5.82 13.71 -15.59
N GLU A 103 -5.50 13.41 -14.32
CA GLU A 103 -4.37 12.51 -14.01
C GLU A 103 -4.63 11.07 -14.52
N VAL A 104 -5.79 10.51 -14.21
CA VAL A 104 -6.13 9.14 -14.59
C VAL A 104 -6.30 9.03 -16.11
N LYS A 105 -6.85 10.06 -16.77
CA LYS A 105 -6.99 10.02 -18.23
C LYS A 105 -5.62 10.08 -18.93
N HIS A 106 -4.65 10.77 -18.34
CA HIS A 106 -3.30 10.89 -18.89
C HIS A 106 -2.52 9.58 -18.78
N PHE A 107 -2.46 8.98 -17.57
CA PHE A 107 -1.67 7.76 -17.36
C PHE A 107 -2.40 6.45 -17.70
N CYS A 108 -3.76 6.48 -17.77
CA CYS A 108 -4.57 5.29 -18.03
C CYS A 108 -5.57 5.58 -19.16
N PRO A 109 -5.09 5.93 -20.37
CA PRO A 109 -6.04 6.24 -21.44
C PRO A 109 -6.88 5.02 -21.79
N ASN A 110 -8.16 5.24 -21.98
CA ASN A 110 -9.08 4.17 -22.34
C ASN A 110 -9.37 3.16 -21.21
N VAL A 111 -8.94 3.43 -19.97
CA VAL A 111 -9.24 2.53 -18.86
C VAL A 111 -10.59 2.95 -18.27
N PRO A 112 -11.57 2.05 -18.10
CA PRO A 112 -12.86 2.48 -17.52
C PRO A 112 -12.71 2.98 -16.09
N ILE A 113 -13.39 4.07 -15.77
CA ILE A 113 -13.39 4.65 -14.43
C ILE A 113 -14.80 4.48 -13.85
N ILE A 114 -14.90 3.94 -12.65
CA ILE A 114 -16.19 3.85 -11.97
C ILE A 114 -16.11 4.88 -10.83
N LEU A 115 -17.02 5.87 -10.82
CA LEU A 115 -17.04 6.86 -9.74
C LEU A 115 -17.82 6.21 -8.58
N VAL A 116 -17.20 6.15 -7.42
CA VAL A 116 -17.81 5.51 -6.26
C VAL A 116 -17.98 6.48 -5.09
N GLY A 117 -19.22 6.62 -4.62
CA GLY A 117 -19.50 7.42 -3.44
C GLY A 117 -19.44 6.51 -2.22
N ASN A 118 -18.42 6.69 -1.38
CA ASN A 118 -18.21 5.89 -0.17
CA ASN A 118 -18.27 5.85 -0.19
C ASN A 118 -18.96 6.48 1.03
N LYS A 119 -19.07 5.71 2.15
CA LYS A 119 -19.68 6.14 3.40
C LYS A 119 -21.12 6.62 3.22
N LYS A 120 -21.89 5.92 2.37
CA LYS A 120 -23.28 6.31 2.11
C LYS A 120 -24.15 6.29 3.36
N ASP A 121 -23.76 5.52 4.39
CA ASP A 121 -24.46 5.45 5.68
C ASP A 121 -24.48 6.82 6.40
N LEU A 122 -23.49 7.68 6.12
CA LEU A 122 -23.40 8.98 6.77
C LEU A 122 -24.39 10.04 6.23
N ARG A 123 -25.07 9.73 5.10
CA ARG A 123 -26.08 10.61 4.50
C ARG A 123 -27.24 10.85 5.47
N ASN A 124 -27.57 9.87 6.32
CA ASN A 124 -28.64 10.02 7.29
C ASN A 124 -28.12 9.93 8.74
N ASP A 125 -26.90 10.44 8.96
CA ASP A 125 -26.25 10.48 10.26
C ASP A 125 -26.37 11.90 10.84
N GLU A 126 -26.92 12.03 12.06
CA GLU A 126 -27.16 13.33 12.69
C GLU A 126 -25.90 14.17 12.87
N HIS A 127 -24.84 13.59 13.45
CA HIS A 127 -23.58 14.31 13.66
C HIS A 127 -22.99 14.85 12.35
N THR A 128 -23.02 14.02 11.28
CA THR A 128 -22.51 14.42 9.98
C THR A 128 -23.29 15.61 9.43
N ARG A 129 -24.63 15.55 9.43
CA ARG A 129 -25.47 16.63 8.94
C ARG A 129 -25.24 17.92 9.74
N ARG A 130 -25.11 17.81 11.08
CA ARG A 130 -24.87 18.97 11.93
C ARG A 130 -23.53 19.65 11.60
N GLU A 131 -22.43 18.88 11.52
CA GLU A 131 -21.11 19.43 11.22
C GLU A 131 -21.05 20.08 9.84
N LEU A 132 -21.63 19.42 8.82
CA LEU A 132 -21.64 19.98 7.47
C LEU A 132 -22.46 21.28 7.41
N ALA A 133 -23.61 21.34 8.10
CA ALA A 133 -24.46 22.54 8.14
C ALA A 133 -23.75 23.77 8.72
N LYS A 134 -22.69 23.57 9.53
CA LYS A 134 -21.91 24.68 10.08
C LYS A 134 -21.01 25.33 9.00
N MET A 135 -20.73 24.62 7.87
CA MET A 135 -19.97 25.18 6.76
C MET A 135 -20.85 25.38 5.52
N LYS A 136 -22.17 25.62 5.71
CA LYS A 136 -23.18 25.82 4.66
C LYS A 136 -23.19 24.63 3.69
N GLN A 137 -23.05 23.41 4.21
CA GLN A 137 -22.99 22.20 3.40
C GLN A 137 -23.97 21.11 3.84
N GLU A 138 -24.12 20.10 2.98
CA GLU A 138 -24.95 18.94 3.24
C GLU A 138 -24.30 17.71 2.59
N PRO A 139 -24.59 16.48 3.06
CA PRO A 139 -23.98 15.30 2.43
C PRO A 139 -24.25 15.26 0.92
N VAL A 140 -23.33 14.67 0.14
CA VAL A 140 -23.49 14.58 -1.31
C VAL A 140 -24.80 13.85 -1.66
N LYS A 141 -25.62 14.43 -2.53
CA LYS A 141 -26.89 13.85 -2.96
C LYS A 141 -26.65 12.82 -4.08
N PRO A 142 -27.48 11.77 -4.20
CA PRO A 142 -27.27 10.78 -5.28
C PRO A 142 -27.18 11.41 -6.67
N GLU A 143 -28.00 12.42 -6.98
CA GLU A 143 -27.96 13.07 -8.27
C GLU A 143 -26.68 13.88 -8.48
N GLU A 144 -26.06 14.40 -7.41
CA GLU A 144 -24.79 15.10 -7.54
C GLU A 144 -23.65 14.13 -7.92
N GLY A 145 -23.68 12.93 -7.35
CA GLY A 145 -22.73 11.87 -7.68
C GLY A 145 -22.89 11.41 -9.12
N ARG A 146 -24.16 11.11 -9.54
CA ARG A 146 -24.44 10.68 -10.91
C ARG A 146 -24.02 11.76 -11.94
N ASP A 147 -24.37 13.04 -11.69
CA ASP A 147 -24.01 14.15 -12.58
C ASP A 147 -22.52 14.31 -12.76
N MET A 148 -21.75 14.13 -11.68
CA MET A 148 -20.29 14.24 -11.75
C MET A 148 -19.75 13.08 -12.58
N ALA A 149 -20.23 11.84 -12.33
CA ALA A 149 -19.81 10.66 -13.07
C ALA A 149 -20.11 10.82 -14.58
N ASN A 150 -21.30 11.36 -14.90
CA ASN A 150 -21.70 11.62 -16.29
C ASN A 150 -20.73 12.66 -16.93
N ARG A 151 -20.46 13.76 -16.20
CA ARG A 151 -19.58 14.84 -16.66
C ARG A 151 -18.13 14.38 -16.96
N ILE A 152 -17.55 13.54 -16.09
CA ILE A 152 -16.16 13.11 -16.27
C ILE A 152 -15.97 11.92 -17.24
N GLY A 153 -17.04 11.45 -17.85
CA GLY A 153 -16.97 10.32 -18.78
C GLY A 153 -16.78 8.99 -18.08
N ALA A 154 -17.32 8.85 -16.85
CA ALA A 154 -17.18 7.59 -16.11
C ALA A 154 -18.01 6.50 -16.76
N PHE A 155 -17.51 5.27 -16.69
CA PHE A 155 -18.18 4.05 -17.11
C PHE A 155 -19.53 3.93 -16.37
N GLY A 156 -19.53 4.33 -15.09
CA GLY A 156 -20.74 4.32 -14.28
C GLY A 156 -20.56 4.95 -12.92
N TYR A 157 -21.65 5.02 -12.16
CA TYR A 157 -21.69 5.58 -10.81
C TYR A 157 -22.28 4.56 -9.85
N MET A 158 -21.64 4.41 -8.70
CA MET A 158 -22.08 3.45 -7.70
C MET A 158 -21.87 4.02 -6.30
N GLU A 159 -22.64 3.52 -5.32
CA GLU A 159 -22.48 3.91 -3.93
C GLU A 159 -22.28 2.68 -3.03
N CYS A 160 -21.60 2.88 -1.90
CA CYS A 160 -21.40 1.79 -0.96
C CYS A 160 -21.11 2.32 0.44
N SER A 161 -21.10 1.41 1.42
CA SER A 161 -20.74 1.70 2.80
C SER A 161 -19.81 0.59 3.24
N ALA A 162 -18.53 0.88 3.48
CA ALA A 162 -17.60 -0.12 4.00
C ALA A 162 -18.06 -0.53 5.44
N LYS A 163 -18.60 0.42 6.21
CA LYS A 163 -19.07 0.17 7.58
C LYS A 163 -20.13 -0.93 7.66
N THR A 164 -21.17 -0.87 6.82
CA THR A 164 -22.22 -1.89 6.83
C THR A 164 -22.05 -2.98 5.77
N LYS A 165 -21.07 -2.85 4.85
CA LYS A 165 -20.83 -3.74 3.71
C LYS A 165 -21.83 -3.58 2.54
N ASP A 166 -22.88 -2.75 2.71
CA ASP A 166 -23.88 -2.58 1.65
C ASP A 166 -23.27 -1.98 0.39
N GLY A 167 -23.46 -2.66 -0.74
CA GLY A 167 -22.97 -2.20 -2.04
C GLY A 167 -21.54 -2.57 -2.36
N VAL A 168 -20.79 -3.06 -1.38
CA VAL A 168 -19.38 -3.41 -1.56
C VAL A 168 -19.16 -4.51 -2.58
N ARG A 169 -19.84 -5.66 -2.44
CA ARG A 169 -19.72 -6.76 -3.40
C ARG A 169 -20.05 -6.31 -4.83
N GLU A 170 -21.15 -5.52 -4.98
CA GLU A 170 -21.59 -5.06 -6.28
C GLU A 170 -20.56 -4.18 -6.98
N VAL A 171 -19.88 -3.30 -6.23
CA VAL A 171 -18.83 -2.43 -6.77
C VAL A 171 -17.70 -3.28 -7.39
N PHE A 172 -17.20 -4.28 -6.64
CA PHE A 172 -16.11 -5.11 -7.16
C PHE A 172 -16.57 -6.04 -8.31
N GLU A 173 -17.81 -6.56 -8.26
CA GLU A 173 -18.30 -7.39 -9.37
C GLU A 173 -18.41 -6.51 -10.64
N MET A 174 -18.91 -5.27 -10.50
CA MET A 174 -19.05 -4.38 -11.66
C MET A 174 -17.65 -3.98 -12.18
N ALA A 175 -16.71 -3.73 -11.28
CA ALA A 175 -15.33 -3.41 -11.65
C ALA A 175 -14.70 -4.55 -12.48
N THR A 176 -15.00 -5.79 -12.12
CA THR A 176 -14.48 -6.96 -12.83
C THR A 176 -15.07 -6.97 -14.25
N ARG A 177 -16.39 -6.72 -14.36
CA ARG A 177 -17.05 -6.64 -15.66
C ARG A 177 -16.42 -5.50 -16.52
N ALA A 178 -16.14 -4.33 -15.91
CA ALA A 178 -15.53 -3.21 -16.63
C ALA A 178 -14.14 -3.58 -17.14
N ALA A 179 -13.33 -4.24 -16.30
CA ALA A 179 -12.00 -4.71 -16.67
C ALA A 179 -12.07 -5.74 -17.83
N LEU A 180 -13.14 -6.54 -17.91
CA LEU A 180 -13.29 -7.53 -18.98
C LEU A 180 -13.65 -6.90 -20.35
N GLN A 181 -14.32 -5.74 -20.38
CA GLN A 181 -14.71 -5.10 -21.64
C GLN A 181 -13.52 -4.59 -22.43
N SER B 1 10.21 -15.34 5.43
CA SER B 1 10.13 -15.14 6.87
CA SER B 1 10.17 -15.13 6.87
C SER B 1 10.48 -16.42 7.64
N MET B 2 10.88 -16.28 8.89
CA MET B 2 11.19 -17.42 9.73
C MET B 2 10.01 -17.71 10.65
N GLU B 3 9.78 -19.00 10.93
CA GLU B 3 8.63 -19.49 11.68
C GLU B 3 8.36 -18.75 12.98
N MET B 4 9.44 -18.45 13.74
CA MET B 4 9.32 -17.75 15.01
CA MET B 4 9.36 -17.74 15.01
C MET B 4 8.65 -16.39 14.85
N ASP B 5 9.10 -15.58 13.88
CA ASP B 5 8.53 -14.26 13.65
C ASP B 5 7.13 -14.33 13.04
N GLU B 6 6.89 -15.32 12.18
CA GLU B 6 5.57 -15.53 11.56
C GLU B 6 4.51 -15.79 12.65
N LYS B 7 4.81 -16.66 13.60
CA LYS B 7 3.86 -16.99 14.66
C LYS B 7 3.64 -15.78 15.56
N ASP B 8 4.72 -15.05 15.90
CA ASP B 8 4.60 -13.85 16.74
C ASP B 8 3.72 -12.77 16.07
N PHE B 9 3.65 -12.75 14.74
CA PHE B 9 2.84 -11.75 14.00
C PHE B 9 1.69 -12.41 13.19
N ALA B 10 1.23 -13.59 13.61
CA ALA B 10 0.15 -14.30 12.92
C ALA B 10 -1.21 -13.66 13.23
N ALA B 11 -1.40 -13.13 14.47
CA ALA B 11 -2.68 -12.56 14.85
C ALA B 11 -3.01 -11.26 14.07
N ASP B 12 -4.31 -10.97 13.93
CA ASP B 12 -4.76 -9.75 13.24
C ASP B 12 -4.46 -8.47 14.03
N SER B 13 -4.08 -8.57 15.31
CA SER B 13 -3.76 -7.38 16.10
C SER B 13 -2.89 -7.72 17.34
N TRP B 14 -2.37 -6.69 18.02
CA TRP B 14 -1.65 -6.89 19.28
C TRP B 14 -2.62 -7.47 20.32
N SER B 15 -3.87 -6.96 20.36
CA SER B 15 -4.85 -7.43 21.35
CA SER B 15 -4.88 -7.43 21.32
C SER B 15 -5.19 -8.91 21.20
N LEU B 16 -5.04 -9.46 20.00
CA LEU B 16 -5.28 -10.88 19.74
C LEU B 16 -3.97 -11.70 19.86
N ALA B 17 -2.79 -11.06 19.72
CA ALA B 17 -1.49 -11.73 19.85
C ALA B 17 -1.14 -12.05 21.32
N VAL B 18 -1.32 -11.09 22.23
CA VAL B 18 -0.97 -11.27 23.64
C VAL B 18 -2.02 -12.16 24.35
N ASP B 19 -1.68 -12.70 25.54
CA ASP B 19 -2.66 -13.48 26.31
C ASP B 19 -3.78 -12.53 26.79
N SER B 20 -5.05 -12.98 26.81
CA SER B 20 -6.17 -12.11 27.24
C SER B 20 -6.02 -11.64 28.69
N SER B 21 -5.41 -12.47 29.55
CA SER B 21 -5.15 -12.08 30.94
C SER B 21 -4.08 -10.98 31.03
N PHE B 22 -3.22 -10.82 30.01
CA PHE B 22 -2.23 -9.75 29.98
C PHE B 22 -2.93 -8.50 29.38
N LEU B 23 -3.73 -8.68 28.32
CA LEU B 23 -4.49 -7.58 27.69
C LEU B 23 -5.36 -6.84 28.73
N GLN B 24 -6.07 -7.60 29.58
CA GLN B 24 -6.96 -7.11 30.63
C GLN B 24 -6.30 -6.15 31.59
N GLN B 25 -4.99 -6.28 31.80
CA GLN B 25 -4.27 -5.40 32.73
C GLN B 25 -3.97 -4.01 32.17
N HIS B 26 -4.25 -3.76 30.87
CA HIS B 26 -3.91 -2.49 30.23
C HIS B 26 -5.08 -1.61 29.90
N LYS B 27 -4.85 -0.30 29.94
CA LYS B 27 -5.88 0.67 29.56
C LYS B 27 -6.09 0.62 28.06
N LYS B 28 -7.30 0.97 27.63
CA LYS B 28 -7.69 1.00 26.22
C LYS B 28 -6.70 1.83 25.36
N GLU B 29 -6.22 2.99 25.88
CA GLU B 29 -5.31 3.82 25.10
C GLU B 29 -3.99 3.11 24.77
N VAL B 30 -3.47 2.32 25.71
CA VAL B 30 -2.24 1.53 25.53
C VAL B 30 -2.51 0.45 24.50
N MET B 31 -3.67 -0.20 24.56
CA MET B 31 -4.05 -1.23 23.60
C MET B 31 -4.08 -0.63 22.18
N LYS B 32 -4.69 0.57 22.01
CA LYS B 32 -4.82 1.21 20.69
C LYS B 32 -3.42 1.54 20.16
N GLN B 33 -2.56 2.12 21.02
CA GLN B 33 -1.18 2.40 20.61
C GLN B 33 -0.45 1.09 20.18
N GLN B 34 -0.55 0.02 20.98
CA GLN B 34 0.16 -1.23 20.69
C GLN B 34 -0.36 -1.94 19.42
N ASP B 35 -1.66 -1.81 19.12
CA ASP B 35 -2.21 -2.40 17.91
C ASP B 35 -1.54 -1.77 16.64
N VAL B 36 -1.29 -0.44 16.65
CA VAL B 36 -0.69 0.22 15.47
C VAL B 36 0.82 -0.08 15.37
N ILE B 37 1.51 -0.15 16.52
CA ILE B 37 2.95 -0.51 16.52
C ILE B 37 3.08 -1.94 15.99
N TYR B 38 2.19 -2.85 16.42
CA TYR B 38 2.16 -4.25 15.95
C TYR B 38 1.97 -4.28 14.40
N GLU B 39 1.06 -3.47 13.88
CA GLU B 39 0.84 -3.40 12.42
C GLU B 39 2.12 -2.89 11.70
N LEU B 40 2.82 -1.90 12.27
CA LEU B 40 4.06 -1.40 11.66
C LEU B 40 5.10 -2.57 11.55
N ILE B 41 5.30 -3.30 12.65
CA ILE B 41 6.28 -4.40 12.66
C ILE B 41 5.83 -5.53 11.74
N GLN B 42 4.55 -5.91 11.80
CA GLN B 42 4.00 -6.98 10.96
C GLN B 42 4.19 -6.66 9.46
N THR B 43 3.86 -5.42 9.04
CA THR B 43 4.01 -5.02 7.64
C THR B 43 5.49 -4.90 7.26
N GLU B 44 6.37 -4.56 8.21
CA GLU B 44 7.82 -4.51 7.92
C GLU B 44 8.34 -5.95 7.70
N LEU B 45 7.87 -6.91 8.52
CA LEU B 45 8.22 -8.34 8.36
C LEU B 45 7.78 -8.82 6.95
N HIS B 46 6.55 -8.47 6.52
CA HIS B 46 6.03 -8.84 5.19
C HIS B 46 6.83 -8.17 4.05
N HIS B 47 7.27 -6.91 4.27
CA HIS B 47 8.04 -6.15 3.27
C HIS B 47 9.43 -6.78 3.10
N VAL B 48 10.06 -7.19 4.20
CA VAL B 48 11.37 -7.87 4.15
C VAL B 48 11.19 -9.21 3.41
N ARG B 49 10.08 -9.90 3.67
CA ARG B 49 9.73 -11.16 3.01
C ARG B 49 9.58 -10.97 1.48
N THR B 50 8.92 -9.87 1.05
CA THR B 50 8.76 -9.49 -0.37
C THR B 50 10.16 -9.34 -1.00
N LEU B 51 11.07 -8.66 -0.29
CA LEU B 51 12.44 -8.47 -0.77
C LEU B 51 13.21 -9.81 -0.86
N LYS B 52 12.96 -10.76 0.07
CA LYS B 52 13.59 -12.09 0.00
C LYS B 52 13.06 -12.91 -1.19
N ILE B 53 11.75 -12.79 -1.53
CA ILE B 53 11.19 -13.47 -2.72
C ILE B 53 11.91 -12.93 -3.98
N MET B 54 12.09 -11.61 -4.05
CA MET B 54 12.76 -10.98 -5.17
C MET B 54 14.23 -11.41 -5.28
N THR B 55 14.98 -11.41 -4.17
CA THR B 55 16.41 -11.78 -4.22
C THR B 55 16.66 -13.29 -4.38
N ARG B 56 16.03 -14.12 -3.52
CA ARG B 56 16.27 -15.56 -3.47
C ARG B 56 15.46 -16.41 -4.44
N LEU B 57 14.16 -16.11 -4.59
CA LEU B 57 13.33 -16.92 -5.48
C LEU B 57 13.49 -16.51 -6.93
N PHE B 58 13.29 -15.22 -7.22
CA PHE B 58 13.33 -14.76 -8.60
C PHE B 58 14.76 -14.49 -9.11
N ARG B 59 15.47 -13.53 -8.52
CA ARG B 59 16.78 -13.13 -9.01
C ARG B 59 17.77 -14.31 -9.07
N THR B 60 18.00 -14.99 -7.93
CA THR B 60 18.95 -16.07 -7.88
C THR B 60 18.48 -17.27 -8.72
N GLY B 61 17.17 -17.53 -8.75
CA GLY B 61 16.64 -18.61 -9.58
C GLY B 61 16.88 -18.37 -11.06
N MET B 62 16.80 -17.11 -11.50
CA MET B 62 17.06 -16.78 -12.90
C MET B 62 18.54 -16.97 -13.23
N LEU B 63 19.44 -16.53 -12.34
CA LEU B 63 20.88 -16.69 -12.52
C LEU B 63 21.26 -18.16 -12.52
N GLU B 64 20.65 -18.98 -11.66
CA GLU B 64 20.98 -20.40 -11.58
C GLU B 64 20.31 -21.33 -12.60
N GLU B 65 19.04 -21.11 -12.95
CA GLU B 65 18.31 -22.01 -13.87
C GLU B 65 18.24 -21.54 -15.30
N LEU B 66 18.23 -20.23 -15.52
CA LEU B 66 18.13 -19.69 -16.89
C LEU B 66 19.46 -19.24 -17.46
N HIS B 67 20.49 -19.09 -16.60
CA HIS B 67 21.82 -18.60 -16.98
C HIS B 67 21.75 -17.30 -17.81
N LEU B 68 20.70 -16.49 -17.54
CA LEU B 68 20.41 -15.23 -18.20
C LEU B 68 21.55 -14.25 -17.94
N GLU B 69 21.77 -13.31 -18.86
CA GLU B 69 22.80 -12.29 -18.71
C GLU B 69 22.62 -11.49 -17.40
N PRO B 70 23.69 -11.36 -16.59
CA PRO B 70 23.57 -10.62 -15.32
C PRO B 70 23.03 -9.20 -15.45
N GLY B 71 23.24 -8.55 -16.61
CA GLY B 71 22.72 -7.21 -16.85
C GLY B 71 21.22 -7.18 -17.06
N VAL B 72 20.65 -8.30 -17.54
CA VAL B 72 19.20 -8.41 -17.74
C VAL B 72 18.53 -8.62 -16.36
N VAL B 73 19.07 -9.53 -15.54
CA VAL B 73 18.54 -9.80 -14.20
C VAL B 73 18.61 -8.52 -13.32
N GLN B 74 19.67 -7.72 -13.46
CA GLN B 74 19.82 -6.47 -12.71
CA GLN B 74 19.85 -6.46 -12.74
C GLN B 74 18.74 -5.44 -13.10
N GLY B 75 18.36 -5.43 -14.37
CA GLY B 75 17.32 -4.52 -14.88
C GLY B 75 15.94 -4.88 -14.36
N LEU B 76 15.70 -6.19 -14.13
CA LEU B 76 14.45 -6.72 -13.60
C LEU B 76 14.35 -6.44 -12.09
N PHE B 77 15.47 -6.54 -11.36
CA PHE B 77 15.50 -6.36 -9.89
C PHE B 77 16.49 -5.28 -9.44
N PRO B 78 16.27 -4.01 -9.81
CA PRO B 78 17.24 -2.98 -9.43
C PRO B 78 17.29 -2.79 -7.91
N CYS B 79 18.51 -2.59 -7.34
CA CYS B 79 18.77 -2.24 -5.93
C CYS B 79 18.24 -3.25 -4.91
N VAL B 80 17.83 -4.46 -5.31
CA VAL B 80 17.23 -5.41 -4.37
CA VAL B 80 17.21 -5.39 -4.37
C VAL B 80 18.17 -5.80 -3.21
N ASP B 81 19.49 -5.92 -3.47
CA ASP B 81 20.42 -6.26 -2.37
C ASP B 81 20.52 -5.11 -1.35
N GLU B 82 20.63 -3.86 -1.83
CA GLU B 82 20.70 -2.69 -0.94
CA GLU B 82 20.71 -2.71 -0.94
C GLU B 82 19.41 -2.53 -0.15
N LEU B 83 18.23 -2.69 -0.81
CA LEU B 83 16.93 -2.57 -0.16
C LEU B 83 16.80 -3.64 0.92
N SER B 84 17.21 -4.87 0.59
CA SER B 84 17.13 -5.97 1.57
C SER B 84 17.97 -5.66 2.79
N ASP B 85 19.18 -5.13 2.60
CA ASP B 85 20.07 -4.75 3.69
C ASP B 85 19.45 -3.67 4.61
N ILE B 86 18.93 -2.58 4.03
CA ILE B 86 18.32 -1.51 4.81
C ILE B 86 17.13 -2.03 5.66
N HIS B 87 16.19 -2.76 5.02
CA HIS B 87 14.99 -3.19 5.71
C HIS B 87 15.21 -4.37 6.64
N THR B 88 16.15 -5.29 6.33
CA THR B 88 16.44 -6.39 7.27
C THR B 88 17.07 -5.83 8.55
N ARG B 89 17.94 -4.80 8.42
CA ARG B 89 18.50 -4.16 9.60
C ARG B 89 17.42 -3.45 10.40
N PHE B 90 16.51 -2.70 9.73
CA PHE B 90 15.42 -1.99 10.39
C PHE B 90 14.52 -2.99 11.11
N LEU B 91 14.11 -4.07 10.43
CA LEU B 91 13.29 -5.13 11.01
C LEU B 91 14.00 -5.75 12.23
N SER B 92 15.33 -5.95 12.16
CA SER B 92 16.08 -6.52 13.28
CA SER B 92 16.08 -6.52 13.28
C SER B 92 15.94 -5.63 14.53
N GLN B 93 16.04 -4.32 14.34
CA GLN B 93 15.90 -3.37 15.45
C GLN B 93 14.47 -3.37 16.03
N LEU B 94 13.44 -3.41 15.19
CA LEU B 94 12.05 -3.44 15.66
C LEU B 94 11.77 -4.73 16.47
N LEU B 95 12.22 -5.90 15.94
CA LEU B 95 12.00 -7.19 16.59
C LEU B 95 12.79 -7.27 17.92
N GLU B 96 13.97 -6.66 17.98
CA GLU B 96 14.77 -6.68 19.22
C GLU B 96 14.09 -5.82 20.29
N ARG B 97 13.53 -4.67 19.90
CA ARG B 97 12.80 -3.79 20.79
C ARG B 97 11.61 -4.54 21.42
N ARG B 98 10.84 -5.30 20.59
CA ARG B 98 9.73 -6.12 21.07
C ARG B 98 10.28 -7.21 22.03
N ARG B 99 11.33 -7.93 21.59
CA ARG B 99 11.92 -9.03 22.39
C ARG B 99 12.36 -8.55 23.79
N GLN B 100 13.07 -7.41 23.85
CA GLN B 100 13.50 -6.82 25.12
C GLN B 100 12.32 -6.46 26.01
N ALA B 101 11.16 -6.08 25.40
CA ALA B 101 9.97 -5.72 26.18
C ALA B 101 9.14 -6.92 26.68
N LEU B 102 9.49 -8.18 26.29
CA LEU B 102 8.70 -9.33 26.73
C LEU B 102 8.78 -9.52 28.25
N CYS B 103 7.68 -9.96 28.86
CA CYS B 103 7.69 -10.30 30.27
C CYS B 103 8.49 -11.58 30.44
N PRO B 104 9.18 -11.75 31.57
CA PRO B 104 9.81 -13.08 31.86
C PRO B 104 8.73 -14.18 31.88
N GLY B 105 9.04 -15.33 31.31
CA GLY B 105 8.10 -16.45 31.24
C GLY B 105 7.14 -16.36 30.08
N SER B 106 7.31 -15.37 29.18
CA SER B 106 6.44 -15.22 28.05
C SER B 106 7.19 -14.98 26.78
N THR B 107 6.68 -15.54 25.67
CA THR B 107 7.21 -15.21 24.36
C THR B 107 6.21 -14.37 23.57
N ARG B 108 5.08 -13.92 24.18
CA ARG B 108 4.13 -13.09 23.44
C ARG B 108 3.66 -11.84 24.11
N ASN B 109 3.82 -11.71 25.45
CA ASN B 109 3.34 -10.57 26.20
C ASN B 109 4.37 -9.49 26.32
N PHE B 110 4.10 -8.33 25.71
CA PHE B 110 5.01 -7.17 25.74
C PHE B 110 4.23 -5.87 25.49
N VAL B 111 4.84 -4.74 25.86
CA VAL B 111 4.36 -3.39 25.57
C VAL B 111 5.59 -2.58 25.13
N ILE B 112 5.55 -1.99 23.94
CA ILE B 112 6.62 -1.15 23.46
C ILE B 112 6.24 0.30 23.80
N HIS B 113 6.93 0.87 24.77
CA HIS B 113 6.70 2.24 25.22
C HIS B 113 7.57 3.27 24.47
N ARG B 114 8.73 2.85 23.89
N ARG B 114 8.71 2.81 23.97
CA ARG B 114 9.68 3.82 23.29
CA ARG B 114 9.64 3.65 23.28
C ARG B 114 10.10 3.66 21.80
C ARG B 114 9.84 3.09 21.88
N LEU B 115 9.14 3.65 20.91
N LEU B 115 9.33 3.81 20.90
CA LEU B 115 9.42 3.47 19.47
CA LEU B 115 9.46 3.48 19.47
C LEU B 115 10.05 4.70 18.75
C LEU B 115 10.06 4.70 18.75
N GLY B 116 9.64 5.90 19.12
CA GLY B 116 10.09 7.15 18.50
C GLY B 116 11.59 7.29 18.29
N ASP B 117 12.39 6.90 19.29
CA ASP B 117 13.85 7.00 19.20
C ASP B 117 14.43 6.13 18.08
N LEU B 118 13.86 4.94 17.91
CA LEU B 118 14.26 3.98 16.90
C LEU B 118 13.92 4.55 15.52
N LEU B 119 12.70 5.11 15.36
CA LEU B 119 12.28 5.70 14.08
C LEU B 119 13.11 6.93 13.73
N ILE B 120 13.51 7.75 14.74
CA ILE B 120 14.36 8.91 14.48
C ILE B 120 15.70 8.43 13.93
N SER B 121 16.28 7.39 14.56
CA SER B 121 17.57 6.84 14.12
CA SER B 121 17.56 6.83 14.14
C SER B 121 17.47 6.30 12.68
N GLN B 122 16.40 5.54 12.37
CA GLN B 122 16.24 5.00 11.01
C GLN B 122 16.09 6.10 9.94
N PHE B 123 15.33 7.16 10.23
CA PHE B 123 15.03 8.21 9.28
C PHE B 123 15.88 9.50 9.43
N SER B 124 17.10 9.37 9.98
CA SER B 124 18.05 10.49 10.05
C SER B 124 19.48 9.96 9.78
N GLY B 125 20.43 10.87 9.49
CA GLY B 125 21.83 10.50 9.26
C GLY B 125 22.10 9.59 8.08
N PRO B 126 23.24 8.88 8.11
CA PRO B 126 23.59 7.98 6.99
C PRO B 126 22.50 7.00 6.55
N SER B 127 21.77 6.37 7.51
CA SER B 127 20.72 5.43 7.09
C SER B 127 19.63 6.13 6.26
N ALA B 128 19.26 7.37 6.61
CA ALA B 128 18.27 8.11 5.83
C ALA B 128 18.81 8.48 4.43
N GLU B 129 20.10 8.89 4.34
CA GLU B 129 20.73 9.21 3.06
C GLU B 129 20.75 7.97 2.17
N GLN B 130 21.07 6.80 2.75
CA GLN B 130 21.09 5.56 1.99
CA GLN B 130 21.09 5.53 2.04
C GLN B 130 19.69 5.18 1.52
N MET B 131 18.66 5.35 2.37
CA MET B 131 17.26 5.08 1.96
C MET B 131 16.87 6.02 0.81
N CYS B 132 17.21 7.31 0.94
CA CYS B 132 16.93 8.32 -0.09
C CYS B 132 17.56 7.97 -1.43
N LYS B 133 18.85 7.65 -1.44
CA LYS B 133 19.54 7.32 -2.68
C LYS B 133 19.01 6.03 -3.29
N THR B 134 18.75 5.01 -2.45
CA THR B 134 18.30 3.72 -2.94
C THR B 134 16.89 3.78 -3.53
N TYR B 135 15.92 4.44 -2.85
CA TYR B 135 14.55 4.56 -3.39
C TYR B 135 14.48 5.48 -4.62
N SER B 136 15.36 6.52 -4.68
CA SER B 136 15.41 7.41 -5.85
C SER B 136 15.84 6.59 -7.07
N GLU B 137 16.84 5.72 -6.89
CA GLU B 137 17.33 4.84 -7.94
CA GLU B 137 17.29 4.85 -7.97
C GLU B 137 16.24 3.79 -8.29
N PHE B 138 15.70 3.06 -7.26
CA PHE B 138 14.67 2.03 -7.47
C PHE B 138 13.44 2.57 -8.23
N CYS B 139 12.82 3.64 -7.72
CA CYS B 139 11.60 4.18 -8.31
C CYS B 139 11.83 4.80 -9.69
N SER B 140 13.08 5.26 -9.98
CA SER B 140 13.43 5.74 -11.32
C SER B 140 13.59 4.56 -12.32
N ARG B 141 13.89 3.34 -11.82
CA ARG B 141 14.05 2.13 -12.64
C ARG B 141 12.85 1.19 -12.67
N HIS B 142 11.76 1.57 -11.98
CA HIS B 142 10.55 0.78 -11.80
C HIS B 142 9.87 0.47 -13.14
N SER B 143 9.53 1.47 -13.94
CA SER B 143 8.86 1.23 -15.23
CA SER B 143 8.86 1.25 -15.24
C SER B 143 9.70 0.36 -16.17
N LYS B 144 11.03 0.60 -16.21
CA LYS B 144 11.93 -0.16 -17.06
C LYS B 144 11.92 -1.64 -16.67
N ALA B 145 11.96 -1.92 -15.34
CA ALA B 145 11.90 -3.30 -14.85
C ALA B 145 10.62 -4.02 -15.34
N LEU B 146 9.45 -3.35 -15.23
CA LEU B 146 8.16 -3.94 -15.67
C LEU B 146 8.15 -4.23 -17.18
N LYS B 147 8.67 -3.31 -18.00
CA LYS B 147 8.71 -3.50 -19.47
C LYS B 147 9.65 -4.63 -19.84
N LEU B 148 10.80 -4.71 -19.15
CA LEU B 148 11.77 -5.80 -19.36
C LEU B 148 11.12 -7.15 -19.01
N TYR B 149 10.37 -7.21 -17.89
CA TYR B 149 9.66 -8.43 -17.48
C TYR B 149 8.66 -8.85 -18.57
N LYS B 150 7.81 -7.92 -19.02
CA LYS B 150 6.79 -8.18 -20.02
C LYS B 150 7.36 -8.64 -21.36
N GLU B 151 8.56 -8.15 -21.73
CA GLU B 151 9.21 -8.54 -22.98
CA GLU B 151 9.19 -8.56 -22.99
C GLU B 151 9.71 -9.99 -22.87
N LEU B 152 10.38 -10.32 -21.76
CA LEU B 152 10.92 -11.64 -21.50
C LEU B 152 9.83 -12.71 -21.40
N TYR B 153 8.73 -12.39 -20.69
CA TYR B 153 7.63 -13.36 -20.53
C TYR B 153 7.00 -13.68 -21.90
N ALA B 154 6.89 -12.70 -22.78
CA ALA B 154 6.26 -12.88 -24.08
C ALA B 154 7.10 -13.59 -25.13
N ARG B 155 8.42 -13.38 -25.12
CA ARG B 155 9.30 -13.94 -26.14
CA ARG B 155 9.34 -13.89 -26.14
C ARG B 155 10.16 -15.11 -25.71
N ASP B 156 10.34 -15.32 -24.39
CA ASP B 156 11.18 -16.42 -23.90
C ASP B 156 10.39 -17.56 -23.20
N LYS B 157 10.37 -18.76 -23.83
CA LYS B 157 9.69 -19.97 -23.34
C LYS B 157 10.24 -20.48 -22.01
N ARG B 158 11.58 -20.60 -21.88
CA ARG B 158 12.16 -21.07 -20.62
C ARG B 158 11.93 -20.03 -19.49
N PHE B 159 11.85 -18.74 -19.82
CA PHE B 159 11.58 -17.69 -18.83
C PHE B 159 10.11 -17.80 -18.37
N GLN B 160 9.19 -18.02 -19.31
CA GLN B 160 7.77 -18.17 -19.05
C GLN B 160 7.53 -19.39 -18.17
N GLN B 161 8.20 -20.53 -18.47
CA GLN B 161 8.07 -21.75 -17.68
C GLN B 161 8.67 -21.57 -16.28
N PHE B 162 9.77 -20.82 -16.18
CA PHE B 162 10.40 -20.51 -14.90
C PHE B 162 9.41 -19.73 -14.00
N ILE B 163 8.87 -18.62 -14.51
CA ILE B 163 7.91 -17.79 -13.80
C ILE B 163 6.68 -18.60 -13.39
N ARG B 164 6.07 -19.33 -14.35
CA ARG B 164 4.88 -20.13 -14.05
C ARG B 164 5.15 -21.17 -12.96
N LYS B 165 6.32 -21.78 -13.00
CA LYS B 165 6.73 -22.77 -12.03
C LYS B 165 6.92 -22.20 -10.58
N VAL B 166 7.75 -21.15 -10.45
CA VAL B 166 8.06 -20.60 -9.13
C VAL B 166 6.90 -19.83 -8.51
N THR B 167 5.95 -19.33 -9.33
CA THR B 167 4.78 -18.60 -8.82
C THR B 167 3.52 -19.45 -8.71
N ARG B 168 3.61 -20.76 -8.97
CA ARG B 168 2.45 -21.65 -8.85
C ARG B 168 1.93 -21.84 -7.40
N PRO B 169 2.78 -21.93 -6.35
CA PRO B 169 2.25 -22.13 -4.99
C PRO B 169 1.28 -21.03 -4.56
N ALA B 170 0.23 -21.42 -3.82
CA ALA B 170 -0.79 -20.49 -3.36
C ALA B 170 -0.21 -19.37 -2.49
N VAL B 171 0.87 -19.62 -1.72
CA VAL B 171 1.47 -18.57 -0.89
C VAL B 171 2.12 -17.45 -1.73
N LEU B 172 2.34 -17.66 -3.05
CA LEU B 172 2.88 -16.64 -3.96
C LEU B 172 1.77 -15.90 -4.75
N LYS B 173 0.49 -16.11 -4.41
CA LYS B 173 -0.61 -15.53 -5.20
C LYS B 173 -0.50 -14.00 -5.40
N ARG B 174 -0.09 -13.26 -4.36
CA ARG B 174 0.04 -11.78 -4.51
C ARG B 174 1.47 -11.33 -4.80
N HIS B 175 2.40 -12.25 -5.03
CA HIS B 175 3.81 -11.91 -5.13
C HIS B 175 4.50 -12.28 -6.45
N GLY B 176 3.84 -11.99 -7.58
CA GLY B 176 4.52 -12.11 -8.86
C GLY B 176 5.58 -11.02 -9.01
N VAL B 177 6.38 -11.06 -10.09
CA VAL B 177 7.46 -10.08 -10.30
C VAL B 177 6.96 -8.63 -10.29
N GLN B 178 5.91 -8.33 -11.05
CA GLN B 178 5.39 -6.96 -11.12
C GLN B 178 4.77 -6.51 -9.79
N GLU B 179 4.11 -7.43 -9.09
CA GLU B 179 3.49 -7.18 -7.81
C GLU B 179 4.56 -6.86 -6.76
N CYS B 180 5.69 -7.60 -6.74
CA CYS B 180 6.77 -7.31 -5.78
C CYS B 180 7.31 -5.89 -6.00
N ILE B 181 7.51 -5.51 -7.28
CA ILE B 181 8.06 -4.20 -7.60
C ILE B 181 7.16 -3.08 -7.09
N LEU B 182 5.82 -3.18 -7.34
CA LEU B 182 4.90 -2.16 -6.84
C LEU B 182 4.81 -2.20 -5.29
N LEU B 183 4.85 -3.40 -4.69
CA LEU B 183 4.84 -3.50 -3.21
C LEU B 183 6.01 -2.74 -2.59
N VAL B 184 7.20 -2.82 -3.22
CA VAL B 184 8.39 -2.14 -2.69
C VAL B 184 8.24 -0.63 -2.88
N THR B 185 7.88 -0.17 -4.10
CA THR B 185 7.65 1.25 -4.35
C THR B 185 6.61 1.87 -3.38
N GLN B 186 5.51 1.15 -3.11
CA GLN B 186 4.47 1.67 -2.21
C GLN B 186 4.84 1.62 -0.71
N ARG B 187 5.86 0.83 -0.34
CA ARG B 187 6.22 0.70 1.08
C ARG B 187 6.53 2.03 1.77
N ILE B 188 7.39 2.85 1.15
CA ILE B 188 7.83 4.07 1.80
C ILE B 188 6.70 5.07 2.09
N THR B 189 5.63 5.06 1.29
CA THR B 189 4.51 5.98 1.53
C THR B 189 3.53 5.44 2.59
N LYS B 190 3.74 4.21 3.12
CA LYS B 190 2.92 3.68 4.20
C LYS B 190 3.39 4.23 5.56
N TYR B 191 4.69 4.54 5.70
CA TYR B 191 5.27 4.96 6.98
C TYR B 191 4.58 6.19 7.61
N PRO B 192 4.30 7.32 6.90
CA PRO B 192 3.65 8.45 7.58
C PRO B 192 2.26 8.08 8.07
N LEU B 193 1.53 7.21 7.38
CA LEU B 193 0.18 6.79 7.79
CA LEU B 193 0.19 6.81 7.81
C LEU B 193 0.28 6.00 9.12
N LEU B 194 1.21 5.05 9.19
CA LEU B 194 1.39 4.24 10.39
C LEU B 194 1.87 5.11 11.59
N ILE B 195 2.92 5.92 11.37
CA ILE B 195 3.48 6.79 12.40
C ILE B 195 2.45 7.81 12.92
N SER B 196 1.65 8.46 12.02
CA SER B 196 0.65 9.41 12.46
CA SER B 196 0.65 9.42 12.47
CA SER B 196 0.65 9.42 12.47
C SER B 196 -0.38 8.75 13.39
N ARG B 197 -0.80 7.52 13.06
CA ARG B 197 -1.76 6.80 13.88
C ARG B 197 -1.14 6.35 15.23
N ILE B 198 0.16 5.95 15.25
CA ILE B 198 0.84 5.61 16.53
C ILE B 198 0.89 6.89 17.40
N LEU B 199 1.23 8.02 16.77
CA LEU B 199 1.35 9.31 17.46
C LEU B 199 0.03 9.73 18.12
N GLN B 200 -1.09 9.53 17.42
CA GLN B 200 -2.43 9.83 17.90
C GLN B 200 -2.72 9.17 19.28
N HIS B 201 -2.12 8.00 19.54
CA HIS B 201 -2.28 7.28 20.79
C HIS B 201 -1.01 7.29 21.67
N SER B 202 -0.14 8.29 21.51
CA SER B 202 1.11 8.35 22.26
C SER B 202 1.31 9.66 23.00
N HIS B 203 0.21 10.31 23.42
CA HIS B 203 0.29 11.58 24.14
C HIS B 203 0.57 11.41 25.66
N GLY B 204 0.41 10.20 26.20
CA GLY B 204 0.63 9.90 27.62
C GLY B 204 2.01 10.25 28.17
N ILE B 205 3.07 10.06 27.36
CA ILE B 205 4.42 10.42 27.75
CA ILE B 205 4.42 10.42 27.74
C ILE B 205 4.86 11.52 26.78
N GLU B 206 5.14 12.71 27.31
CA GLU B 206 5.53 13.85 26.46
C GLU B 206 6.81 13.60 25.64
N GLU B 207 7.83 12.94 26.22
CA GLU B 207 9.06 12.60 25.46
C GLU B 207 8.68 11.74 24.21
N GLU B 208 7.74 10.80 24.36
CA GLU B 208 7.36 9.91 23.24
C GLU B 208 6.59 10.65 22.14
N ARG B 209 5.60 11.48 22.53
CA ARG B 209 4.87 12.30 21.56
C ARG B 209 5.84 13.18 20.74
N GLN B 210 6.84 13.78 21.42
CA GLN B 210 7.87 14.60 20.76
C GLN B 210 8.73 13.76 19.80
N ASP B 211 9.23 12.60 20.25
CA ASP B 211 10.02 11.72 19.38
C ASP B 211 9.25 11.26 18.13
N LEU B 212 7.98 10.86 18.28
CA LEU B 212 7.16 10.43 17.16
C LEU B 212 6.86 11.60 16.21
N THR B 213 6.66 12.84 16.75
CA THR B 213 6.45 14.02 15.93
C THR B 213 7.74 14.29 15.08
N THR B 214 8.94 14.20 15.69
CA THR B 214 10.19 14.37 14.97
C THR B 214 10.33 13.27 13.87
N ALA B 215 10.06 12.00 14.24
CA ALA B 215 10.14 10.88 13.29
C ALA B 215 9.21 11.10 12.09
N LEU B 216 7.99 11.57 12.36
CA LEU B 216 7.00 11.82 11.31
C LEU B 216 7.53 12.89 10.33
N GLY B 217 8.13 13.95 10.86
CA GLY B 217 8.75 15.01 10.07
C GLY B 217 9.91 14.52 9.23
N LEU B 218 10.78 13.65 9.82
CA LEU B 218 11.91 13.06 9.08
C LEU B 218 11.43 12.16 7.91
N VAL B 219 10.39 11.33 8.13
CA VAL B 219 9.85 10.44 7.11
C VAL B 219 9.32 11.28 5.94
N LYS B 220 8.59 12.36 6.25
CA LYS B 220 8.03 13.24 5.21
C LYS B 220 9.13 13.95 4.42
N GLU B 221 10.22 14.35 5.10
CA GLU B 221 11.33 14.99 4.42
CA GLU B 221 11.35 14.99 4.44
C GLU B 221 11.98 13.99 3.47
N LEU B 222 12.17 12.73 3.91
CA LEU B 222 12.74 11.67 3.07
C LEU B 222 11.85 11.46 1.83
N LEU B 223 10.54 11.29 2.03
CA LEU B 223 9.61 11.09 0.92
C LEU B 223 9.61 12.23 -0.08
N SER B 224 9.66 13.50 0.39
CA SER B 224 9.68 14.63 -0.51
CA SER B 224 9.70 14.66 -0.49
C SER B 224 10.97 14.63 -1.34
N ASN B 225 12.12 14.23 -0.73
CA ASN B 225 13.41 14.14 -1.42
C ASN B 225 13.37 13.02 -2.48
N VAL B 226 12.87 11.83 -2.11
CA VAL B 226 12.76 10.72 -3.05
C VAL B 226 11.89 11.12 -4.27
N ASP B 227 10.72 11.73 -4.01
CA ASP B 227 9.78 12.16 -5.02
C ASP B 227 10.43 13.16 -6.01
N GLU B 228 11.25 14.09 -5.50
CA GLU B 228 11.97 15.06 -6.31
C GLU B 228 13.15 14.47 -7.08
N GLY B 229 13.68 13.35 -6.63
CA GLY B 229 14.82 12.70 -7.24
C GLY B 229 14.47 11.70 -8.31
N ILE B 230 13.18 11.47 -8.57
CA ILE B 230 12.74 10.49 -9.56
C ILE B 230 12.67 11.02 -10.99
N TYR B 231 13.27 10.29 -11.92
CA TYR B 231 13.14 10.55 -13.33
C TYR B 231 13.12 9.17 -13.99
N GLN B 232 11.97 8.79 -14.52
CA GLN B 232 11.74 7.47 -15.10
C GLN B 232 12.66 7.13 -16.27
N LEU B 233 13.47 6.08 -16.11
CA LEU B 233 14.36 5.63 -17.16
C LEU B 233 13.56 4.82 -18.20
N GLU B 234 14.02 4.85 -19.45
CA GLU B 234 13.37 4.09 -20.51
C GLU B 234 14.44 3.42 -21.35
N LYS B 235 14.35 2.10 -21.54
CA LYS B 235 15.32 1.37 -22.35
C LYS B 235 15.31 1.92 -23.79
N GLY B 236 16.47 2.32 -24.29
CA GLY B 236 16.57 2.88 -25.63
C GLY B 236 16.14 4.33 -25.74
N ALA B 237 16.18 5.07 -24.62
CA ALA B 237 15.84 6.50 -24.65
C ALA B 237 17.01 7.23 -25.31
N ARG B 238 16.71 8.22 -26.15
CA ARG B 238 17.77 8.98 -26.81
C ARG B 238 18.07 10.23 -25.99
N LEU B 239 19.32 10.71 -26.08
CA LEU B 239 19.76 11.92 -25.37
CA LEU B 239 19.73 11.91 -25.36
C LEU B 239 18.84 13.11 -25.66
N GLN B 240 18.44 13.28 -26.93
CA GLN B 240 17.56 14.37 -27.34
C GLN B 240 16.23 14.35 -26.55
N GLU B 241 15.66 13.15 -26.35
CA GLU B 241 14.42 13.02 -25.56
C GLU B 241 14.66 13.43 -24.11
N ILE B 242 15.80 13.04 -23.55
CA ILE B 242 16.15 13.36 -22.17
C ILE B 242 16.33 14.87 -21.93
N TYR B 243 17.20 15.55 -22.71
CA TYR B 243 17.43 16.97 -22.46
C TYR B 243 16.29 17.89 -22.93
N ASN B 244 15.22 17.35 -23.55
CA ASN B 244 14.09 18.18 -23.97
C ASN B 244 12.97 18.11 -22.94
#